data_1XT8
#
_entry.id   1XT8
#
_cell.length_a   93.863
_cell.length_b   88.787
_cell.length_c   72.110
_cell.angle_alpha   90.00
_cell.angle_beta   107.81
_cell.angle_gamma   90.00
#
_symmetry.space_group_name_H-M   'C 1 2 1'
#
loop_
_entity.id
_entity.type
_entity.pdbx_description
1 polymer 'putative amino-acid transporter periplasmic solute-binding protein'
2 non-polymer CYSTEINE
3 non-polymer GLYCEROL
4 water water
#
_entity_poly.entity_id   1
_entity_poly.type   'polypeptide(L)'
_entity_poly.pdbx_seq_one_letter_code
;MKYLLPTAAAGLLLLAAQPAMAMASGGNSDSKTLNSLDKIKQNGVVRIGVFGDKPPFGYVDEKGNNQGYDIALAKRIAKE
LFGDENKVQFVLVEAANRVEFLKSNKVDIILANFTQTPQRAEQVDFCSPYMKVALGVAVPKDSNITSVEDLKDKTLLLNK
GTTADAYFTQNYPNIKTLKYDQNTETFAALMDKRGDALSHDNTLLFAWVKDHPDFKMGIKELGNKDVIAPAVKKGDKELK
EFIDNLIIKLGQEQFFHKAYDETLKAHFGDDVKADDVVIEGGKILEHHHHHH
;
_entity_poly.pdbx_strand_id   A,B
#
loop_
_chem_comp.id
_chem_comp.type
_chem_comp.name
_chem_comp.formula
GOL non-polymer GLYCEROL 'C3 H8 O3'
#
# COMPACT_ATOMS: atom_id res chain seq x y z
N LEU A 34 21.16 -22.70 36.47
CA LEU A 34 20.50 -21.58 37.21
C LEU A 34 19.30 -21.01 36.46
N ASN A 35 18.18 -20.83 37.16
CA ASN A 35 17.07 -20.06 36.59
C ASN A 35 17.54 -18.63 36.37
N SER A 36 16.82 -17.88 35.55
CA SER A 36 17.31 -16.56 35.14
C SER A 36 17.37 -15.54 36.27
N LEU A 37 16.50 -15.66 37.26
CA LEU A 37 16.50 -14.74 38.42
C LEU A 37 17.76 -14.91 39.29
N ASP A 38 18.15 -16.15 39.56
CA ASP A 38 19.37 -16.42 40.32
C ASP A 38 20.60 -16.06 39.52
N LYS A 39 20.54 -16.23 38.19
CA LYS A 39 21.61 -15.73 37.34
C LYS A 39 21.79 -14.22 37.48
N ILE A 40 20.69 -13.49 37.35
CA ILE A 40 20.74 -12.03 37.45
C ILE A 40 21.21 -11.63 38.85
N LYS A 41 20.73 -12.30 39.88
CA LYS A 41 21.22 -12.01 41.23
C LYS A 41 22.74 -12.27 41.30
N GLN A 42 23.21 -13.39 40.78
CA GLN A 42 24.67 -13.66 40.79
C GLN A 42 25.49 -12.66 39.96
N ASN A 43 24.91 -12.14 38.88
CA ASN A 43 25.58 -11.15 38.04
C ASN A 43 25.89 -9.88 38.84
N GLY A 44 24.93 -9.40 39.64
CA GLY A 44 25.11 -8.13 40.41
C GLY A 44 24.58 -6.90 39.70
N VAL A 45 24.17 -7.09 38.45
CA VAL A 45 23.53 -6.04 37.64
C VAL A 45 22.33 -6.66 36.90
N VAL A 46 21.36 -5.84 36.55
CA VAL A 46 20.28 -6.25 35.67
C VAL A 46 20.34 -5.41 34.38
N ARG A 47 20.34 -6.12 33.25
CA ARG A 47 20.36 -5.49 31.91
C ARG A 47 18.94 -5.20 31.49
N ILE A 48 18.61 -3.92 31.30
CA ILE A 48 17.25 -3.56 30.94
C ILE A 48 17.27 -2.78 29.66
N GLY A 49 16.53 -3.26 28.67
CA GLY A 49 16.45 -2.57 27.39
C GLY A 49 15.52 -1.40 27.52
N VAL A 50 15.97 -0.20 27.11
CA VAL A 50 15.12 0.99 27.16
C VAL A 50 15.22 1.81 25.88
N PHE A 51 14.25 2.70 25.65
CA PHE A 51 14.40 3.67 24.56
C PHE A 51 15.42 4.73 24.98
N GLY A 52 16.26 5.14 24.03
CA GLY A 52 17.07 6.34 24.21
C GLY A 52 16.45 7.61 23.66
N ASP A 53 15.27 7.50 23.03
CA ASP A 53 14.72 8.61 22.26
C ASP A 53 13.21 8.65 22.15
N LYS A 54 12.52 8.09 23.15
CA LYS A 54 11.08 8.24 23.27
C LYS A 54 10.71 8.87 24.60
N PRO A 55 11.00 10.16 24.75
CA PRO A 55 10.49 10.94 25.88
C PRO A 55 8.99 11.17 25.78
N PRO A 56 8.29 11.07 26.90
CA PRO A 56 8.92 11.19 28.22
C PRO A 56 9.03 9.83 28.90
N PHE A 57 8.97 8.75 28.12
CA PHE A 57 8.85 7.42 28.68
C PHE A 57 10.22 6.76 28.85
N GLY A 58 11.07 6.91 27.83
CA GLY A 58 12.46 6.51 27.93
C GLY A 58 13.29 7.37 27.00
N TYR A 59 14.29 8.04 27.55
CA TYR A 59 15.18 8.86 26.73
C TYR A 59 16.44 9.11 27.49
N VAL A 60 17.40 9.75 26.83
CA VAL A 60 18.68 10.15 27.41
C VAL A 60 18.66 11.66 27.42
N ASP A 61 18.86 12.26 28.59
CA ASP A 61 18.70 13.70 28.74
C ASP A 61 19.96 14.43 28.26
N GLU A 62 19.93 15.75 28.34
CA GLU A 62 21.03 16.60 27.84
C GLU A 62 22.37 16.36 28.55
N LYS A 63 22.35 15.68 29.71
CA LYS A 63 23.56 15.36 30.48
C LYS A 63 24.04 13.93 30.20
N GLY A 64 23.34 13.20 29.33
CA GLY A 64 23.68 11.82 29.00
C GLY A 64 23.12 10.79 29.97
N ASN A 65 22.07 11.16 30.71
CA ASN A 65 21.50 10.28 31.72
C ASN A 65 20.18 9.73 31.25
N ASN A 66 19.93 8.48 31.58
CA ASN A 66 18.69 7.82 31.19
C ASN A 66 17.59 8.37 32.07
N GLN A 67 16.47 8.75 31.47
CA GLN A 67 15.34 9.31 32.23
C GLN A 67 14.03 8.82 31.65
N GLY A 68 12.94 9.02 32.39
CA GLY A 68 11.60 8.74 31.88
C GLY A 68 10.79 7.80 32.75
N TYR A 69 9.50 7.69 32.45
CA TYR A 69 8.58 6.83 33.19
C TYR A 69 9.06 5.36 33.24
N ASP A 70 9.55 4.85 32.12
CA ASP A 70 10.05 3.46 32.06
C ASP A 70 11.29 3.29 32.94
N ILE A 71 12.14 4.30 32.95
CA ILE A 71 13.40 4.27 33.67
C ILE A 71 13.16 4.23 35.18
N ALA A 72 12.07 4.85 35.64
CA ALA A 72 11.74 4.85 37.04
C ALA A 72 11.48 3.42 37.52
N LEU A 73 10.75 2.63 36.74
CA LEU A 73 10.51 1.23 37.07
C LEU A 73 11.79 0.44 37.02
N ALA A 74 12.59 0.66 35.97
CA ALA A 74 13.86 -0.03 35.82
C ALA A 74 14.75 0.10 37.07
N LYS A 75 14.89 1.33 37.55
CA LYS A 75 15.73 1.61 38.71
C LYS A 75 15.09 0.99 39.99
N ARG A 76 13.76 0.99 40.06
CA ARG A 76 13.09 0.34 41.17
C ARG A 76 13.32 -1.19 41.15
N ILE A 77 13.33 -1.78 39.97
CA ILE A 77 13.63 -3.20 39.82
C ILE A 77 15.07 -3.49 40.31
N ALA A 78 16.05 -2.70 39.88
CA ALA A 78 17.44 -2.86 40.40
C ALA A 78 17.53 -2.68 41.91
N LYS A 79 16.74 -1.77 42.44
CA LYS A 79 16.71 -1.53 43.87
C LYS A 79 16.25 -2.80 44.60
N GLU A 80 15.20 -3.43 44.08
CA GLU A 80 14.66 -4.64 44.68
C GLU A 80 15.63 -5.82 44.61
N LEU A 81 16.33 -5.95 43.48
CA LEU A 81 17.32 -7.02 43.29
C LEU A 81 18.60 -6.81 44.12
N PHE A 82 19.10 -5.58 44.13
CA PHE A 82 20.44 -5.28 44.58
C PHE A 82 20.63 -4.23 45.69
N GLY A 83 19.52 -3.68 46.17
CA GLY A 83 19.54 -2.61 47.16
C GLY A 83 20.11 -1.29 46.68
N ASP A 84 20.16 -1.13 45.35
CA ASP A 84 20.89 -0.05 44.71
C ASP A 84 20.31 0.18 43.33
N GLU A 85 19.66 1.33 43.14
CA GLU A 85 18.91 1.60 41.92
C GLU A 85 19.84 1.83 40.71
N ASN A 86 21.14 2.00 40.97
CA ASN A 86 22.14 2.16 39.92
C ASN A 86 22.81 0.85 39.42
N LYS A 87 22.34 -0.30 39.91
CA LYS A 87 22.81 -1.58 39.42
C LYS A 87 21.84 -2.06 38.33
N VAL A 88 21.47 -1.12 37.47
CA VAL A 88 20.92 -1.39 36.15
C VAL A 88 22.02 -1.03 35.17
N GLN A 89 22.22 -1.90 34.19
CA GLN A 89 22.83 -1.50 32.95
C GLN A 89 21.73 -1.23 31.94
N PHE A 90 21.60 0.04 31.52
CA PHE A 90 20.63 0.40 30.49
C PHE A 90 21.19 0.10 29.10
N VAL A 91 20.52 -0.81 28.41
CA VAL A 91 20.87 -1.14 27.03
C VAL A 91 19.88 -0.46 26.11
N LEU A 92 20.36 0.43 25.25
CA LEU A 92 19.48 1.12 24.32
C LEU A 92 19.02 0.16 23.25
N VAL A 93 17.76 0.27 22.90
CA VAL A 93 17.21 -0.59 21.88
C VAL A 93 16.10 0.13 21.12
N GLU A 94 15.99 -0.17 19.84
CA GLU A 94 14.92 0.41 19.02
C GLU A 94 13.74 -0.53 18.94
N ALA A 95 12.62 0.04 18.50
CA ALA A 95 11.34 -0.65 18.48
C ALA A 95 11.37 -2.02 17.76
N ALA A 96 12.10 -2.13 16.67
CA ALA A 96 12.15 -3.39 15.90
C ALA A 96 12.89 -4.53 16.59
N ASN A 97 13.79 -4.21 17.52
CA ASN A 97 14.74 -5.21 18.07
C ASN A 97 14.52 -5.64 19.53
N ARG A 98 13.40 -5.28 20.12
CA ARG A 98 13.14 -5.57 21.55
C ARG A 98 13.05 -7.07 21.81
N VAL A 99 12.18 -7.75 21.06
CA VAL A 99 12.06 -9.20 21.15
C VAL A 99 13.39 -9.91 20.90
N GLU A 100 14.11 -9.51 19.84
CA GLU A 100 15.40 -10.14 19.53
C GLU A 100 16.48 -9.90 20.59
N PHE A 101 16.45 -8.75 21.25
CA PHE A 101 17.33 -8.49 22.38
C PHE A 101 17.04 -9.43 23.55
N LEU A 102 15.78 -9.84 23.73
CA LEU A 102 15.46 -10.86 24.74
C LEU A 102 15.80 -12.29 24.29
N LYS A 103 15.46 -12.66 23.05
CA LYS A 103 15.79 -14.00 22.52
C LYS A 103 17.29 -14.24 22.48
N SER A 104 18.05 -13.20 22.14
CA SER A 104 19.49 -13.31 22.00
C SER A 104 20.28 -13.06 23.28
N ASN A 105 19.58 -12.83 24.40
CA ASN A 105 20.21 -12.67 25.72
C ASN A 105 21.04 -11.39 25.88
N LYS A 106 20.75 -10.39 25.07
CA LYS A 106 21.39 -9.09 25.22
C LYS A 106 20.86 -8.30 26.41
N VAL A 107 19.61 -8.55 26.78
CA VAL A 107 18.97 -7.93 27.94
C VAL A 107 18.20 -8.96 28.77
N ASP A 108 18.04 -8.63 30.06
CA ASP A 108 17.30 -9.41 31.01
C ASP A 108 15.83 -9.01 30.99
N ILE A 109 15.56 -7.72 30.87
CA ILE A 109 14.18 -7.17 30.81
C ILE A 109 14.10 -6.12 29.72
N ILE A 110 12.99 -6.13 28.94
CA ILE A 110 12.66 -4.99 28.07
C ILE A 110 11.70 -4.06 28.81
N LEU A 111 12.13 -2.82 29.06
CA LEU A 111 11.25 -1.72 29.48
C LEU A 111 11.32 -0.56 28.47
N ALA A 112 11.41 -0.92 27.20
CA ALA A 112 11.32 0.05 26.10
C ALA A 112 9.86 0.21 25.77
N ASN A 113 9.18 1.03 26.57
CA ASN A 113 7.75 1.30 26.42
C ASN A 113 7.07 0.35 25.45
N PHE A 114 6.88 -0.89 25.92
CA PHE A 114 6.60 -2.05 25.09
C PHE A 114 5.14 -2.51 25.23
N THR A 115 4.40 -2.40 24.12
CA THR A 115 3.00 -2.82 24.07
C THR A 115 2.83 -4.33 24.02
N GLN A 116 1.97 -4.81 24.91
CA GLN A 116 1.57 -6.21 24.91
C GLN A 116 0.64 -6.49 23.73
N THR A 117 1.03 -7.45 22.91
CA THR A 117 0.18 -7.98 21.85
C THR A 117 0.20 -9.51 21.94
N PRO A 118 -0.90 -10.18 21.56
CA PRO A 118 -0.87 -11.64 21.47
C PRO A 118 0.32 -12.18 20.65
N GLN A 119 0.68 -11.45 19.60
CA GLN A 119 1.70 -11.90 18.68
C GLN A 119 3.07 -11.87 19.36
N ARG A 120 3.37 -10.78 20.06
CA ARG A 120 4.63 -10.69 20.80
C ARG A 120 4.67 -11.69 21.97
N ALA A 121 3.50 -12.02 22.52
CA ALA A 121 3.39 -12.94 23.64
C ALA A 121 3.69 -14.40 23.26
N GLU A 122 3.56 -14.74 21.97
CA GLU A 122 4.07 -16.03 21.46
C GLU A 122 5.61 -16.08 21.55
N GLN A 123 6.24 -14.93 21.67
CA GLN A 123 7.70 -14.79 21.48
C GLN A 123 8.47 -14.46 22.76
N VAL A 124 7.87 -13.65 23.63
CA VAL A 124 8.44 -13.27 24.91
C VAL A 124 7.33 -13.38 25.96
N ASP A 125 7.73 -13.45 27.23
CA ASP A 125 6.75 -13.49 28.34
C ASP A 125 6.57 -12.07 28.89
N PHE A 126 5.35 -11.56 28.87
CA PHE A 126 5.09 -10.22 29.41
C PHE A 126 4.83 -10.29 30.92
N CYS A 127 5.34 -9.30 31.65
CA CYS A 127 5.02 -9.13 33.04
C CYS A 127 3.78 -8.27 33.20
N SER A 128 3.43 -7.94 34.44
CA SER A 128 2.25 -7.11 34.72
C SER A 128 2.34 -5.69 34.12
N PRO A 129 1.23 -5.20 33.53
CA PRO A 129 1.23 -3.92 32.85
C PRO A 129 1.37 -2.72 33.78
N TYR A 130 1.98 -1.64 33.28
CA TYR A 130 2.09 -0.40 34.06
C TYR A 130 1.68 0.88 33.34
N MET A 131 1.26 0.79 32.08
CA MET A 131 0.47 1.90 31.51
C MET A 131 -0.49 1.48 30.42
N LYS A 132 -1.43 2.37 30.16
CA LYS A 132 -2.43 2.19 29.11
C LYS A 132 -1.98 2.95 27.87
N VAL A 133 -2.37 2.44 26.72
CA VAL A 133 -1.94 2.98 25.45
C VAL A 133 -2.86 2.63 24.31
N ALA A 134 -2.87 3.49 23.31
CA ALA A 134 -3.60 3.27 22.07
C ALA A 134 -2.78 3.98 21.02
N LEU A 135 -3.27 4.04 19.78
CA LEU A 135 -2.50 4.70 18.75
C LEU A 135 -3.10 6.05 18.44
N GLY A 136 -2.31 6.88 17.77
CA GLY A 136 -2.78 8.13 17.22
C GLY A 136 -2.03 8.50 15.96
N VAL A 137 -2.52 9.57 15.33
CA VAL A 137 -1.88 10.19 14.17
C VAL A 137 -1.69 11.70 14.42
N ALA A 138 -0.44 12.15 14.36
CA ALA A 138 -0.13 13.58 14.42
C ALA A 138 0.02 14.14 13.01
N VAL A 139 -0.34 15.42 12.86
CA VAL A 139 -0.42 16.07 11.56
C VAL A 139 -0.02 17.55 11.70
N PRO A 140 0.40 18.18 10.58
CA PRO A 140 0.70 19.63 10.64
C PRO A 140 -0.50 20.45 11.09
N LYS A 141 -0.20 21.53 11.79
CA LYS A 141 -1.19 22.52 12.23
C LYS A 141 -2.32 22.73 11.22
N ASP A 142 -1.95 22.91 9.95
CA ASP A 142 -2.90 23.25 8.87
C ASP A 142 -3.53 22.04 8.19
N SER A 143 -3.42 20.85 8.79
CA SER A 143 -3.94 19.64 8.16
C SER A 143 -5.44 19.51 8.37
N ASN A 144 -6.11 18.90 7.39
CA ASN A 144 -7.54 18.58 7.47
C ASN A 144 -7.73 17.06 7.57
N ILE A 145 -6.67 16.36 7.98
CA ILE A 145 -6.72 14.92 8.16
C ILE A 145 -7.26 14.63 9.56
N THR A 146 -8.49 14.13 9.61
CA THR A 146 -9.10 13.70 10.85
C THR A 146 -9.48 12.21 10.88
N SER A 147 -9.15 11.44 9.85
CA SER A 147 -9.51 10.02 9.83
C SER A 147 -8.58 9.24 8.91
N VAL A 148 -8.61 7.91 9.06
CA VAL A 148 -7.76 7.02 8.24
C VAL A 148 -8.18 7.10 6.78
N GLU A 149 -9.45 7.38 6.51
CA GLU A 149 -9.89 7.59 5.14
C GLU A 149 -9.08 8.71 4.51
N ASP A 150 -8.84 9.76 5.29
CA ASP A 150 -8.12 10.94 4.81
C ASP A 150 -6.64 10.67 4.49
N LEU A 151 -6.11 9.53 4.95
CA LEU A 151 -4.72 9.16 4.67
C LEU A 151 -4.55 8.37 3.36
N LYS A 152 -5.64 8.16 2.61
CA LYS A 152 -5.57 7.29 1.44
C LYS A 152 -4.39 7.60 0.52
N ASP A 153 -4.33 8.84 0.04
CA ASP A 153 -3.29 9.24 -0.93
C ASP A 153 -2.24 10.12 -0.28
N LYS A 154 -1.92 9.81 0.98
CA LYS A 154 -0.97 10.56 1.80
C LYS A 154 0.23 9.69 2.09
N THR A 155 1.37 10.30 2.40
CA THR A 155 2.54 9.59 2.94
C THR A 155 2.52 9.67 4.46
N LEU A 156 2.60 8.50 5.09
CA LEU A 156 2.45 8.37 6.53
C LEU A 156 3.79 7.89 7.07
N LEU A 157 4.29 8.60 8.08
CA LEU A 157 5.61 8.33 8.65
C LEU A 157 5.48 7.42 9.86
N LEU A 158 6.37 6.45 9.97
CA LEU A 158 6.33 5.46 11.04
C LEU A 158 7.72 5.11 11.55
N ASN A 159 7.81 4.86 12.85
CA ASN A 159 8.97 4.21 13.45
C ASN A 159 8.85 2.69 13.20
N LYS A 160 9.86 2.09 12.57
CA LYS A 160 9.82 0.66 12.20
C LYS A 160 9.75 -0.20 13.47
N GLY A 161 8.84 -1.17 13.49
CA GLY A 161 8.72 -2.13 14.59
C GLY A 161 7.71 -1.75 15.67
N THR A 162 7.12 -0.56 15.58
CA THR A 162 6.14 -0.13 16.55
C THR A 162 4.78 -0.76 16.19
N THR A 163 3.82 -0.67 17.11
CA THR A 163 2.46 -1.15 16.87
C THR A 163 1.70 -0.35 15.76
N ALA A 164 1.98 0.95 15.67
CA ALA A 164 1.49 1.80 14.56
C ALA A 164 1.91 1.26 13.19
N ASP A 165 3.17 0.86 13.07
CA ASP A 165 3.70 0.20 11.88
C ASP A 165 2.91 -1.04 11.53
N ALA A 166 2.80 -1.98 12.49
CA ALA A 166 2.02 -3.20 12.30
C ALA A 166 0.56 -2.90 11.91
N TYR A 167 -0.03 -1.92 12.58
CA TYR A 167 -1.45 -1.61 12.38
C TYR A 167 -1.76 -1.15 10.95
N PHE A 168 -0.95 -0.23 10.42
CA PHE A 168 -1.18 0.28 9.05
C PHE A 168 -0.75 -0.71 7.99
N THR A 169 0.42 -1.31 8.19
CA THR A 169 0.92 -2.32 7.29
C THR A 169 -0.12 -3.43 7.07
N GLN A 170 -0.75 -3.91 8.14
CA GLN A 170 -1.71 -5.00 8.04
C GLN A 170 -3.08 -4.55 7.56
N ASN A 171 -3.60 -3.47 8.13
CA ASN A 171 -4.99 -3.06 7.88
C ASN A 171 -5.17 -2.08 6.70
N TYR A 172 -4.14 -1.27 6.44
CA TYR A 172 -4.17 -0.31 5.34
C TYR A 172 -2.86 -0.40 4.55
N PRO A 173 -2.63 -1.56 3.88
CA PRO A 173 -1.35 -1.87 3.24
C PRO A 173 -1.03 -0.97 2.06
N ASN A 174 -2.05 -0.35 1.47
CA ASN A 174 -1.88 0.53 0.32
C ASN A 174 -1.60 2.00 0.68
N ILE A 175 -1.70 2.36 1.96
CA ILE A 175 -1.25 3.67 2.40
C ILE A 175 0.27 3.72 2.34
N LYS A 176 0.81 4.71 1.61
CA LYS A 176 2.24 4.87 1.40
C LYS A 176 2.91 5.24 2.72
N THR A 177 4.01 4.59 3.05
CA THR A 177 4.68 4.94 4.31
C THR A 177 6.15 5.14 4.11
N LEU A 178 6.75 5.87 5.03
CA LEU A 178 8.19 5.94 5.12
C LEU A 178 8.49 5.52 6.54
N LYS A 179 9.33 4.50 6.70
CA LYS A 179 9.56 3.88 7.99
C LYS A 179 11.00 4.17 8.40
N TYR A 180 11.20 4.57 9.65
CA TYR A 180 12.56 4.84 10.14
C TYR A 180 12.89 3.98 11.36
N ASP A 181 14.17 3.70 11.48
CA ASP A 181 14.69 2.85 12.54
C ASP A 181 14.49 3.46 13.90
N GLN A 182 14.77 4.76 14.01
CA GLN A 182 14.72 5.51 15.29
C GLN A 182 13.55 6.50 15.36
N ASN A 183 13.20 6.87 16.58
CA ASN A 183 12.17 7.88 16.82
C ASN A 183 12.65 9.26 16.38
N THR A 184 13.89 9.57 16.74
CA THR A 184 14.47 10.86 16.36
C THR A 184 14.34 11.13 14.87
N GLU A 185 14.66 10.12 14.07
CA GLU A 185 14.54 10.14 12.61
C GLU A 185 13.09 10.33 12.12
N THR A 186 12.15 9.67 12.80
CA THR A 186 10.76 9.66 12.38
C THR A 186 10.13 11.03 12.54
N PHE A 187 10.27 11.61 13.73
CA PHE A 187 9.79 12.96 14.01
C PHE A 187 10.55 14.03 13.23
N ALA A 188 11.83 13.80 12.96
CA ALA A 188 12.61 14.72 12.14
C ALA A 188 12.09 14.79 10.71
N ALA A 189 11.56 13.65 10.21
CA ALA A 189 11.05 13.58 8.85
C ALA A 189 9.68 14.24 8.77
N LEU A 190 8.94 14.22 9.88
CA LEU A 190 7.71 15.00 9.98
C LEU A 190 8.00 16.49 9.93
N MET A 191 8.91 16.93 10.79
CA MET A 191 9.30 18.34 10.83
C MET A 191 9.93 18.82 9.51
N ASP A 192 10.61 17.93 8.80
CA ASP A 192 11.17 18.22 7.46
C ASP A 192 10.15 18.05 6.32
N LYS A 193 8.88 17.82 6.66
CA LYS A 193 7.80 17.71 5.69
C LYS A 193 8.05 16.59 4.68
N ARG A 194 8.58 15.47 5.16
CA ARG A 194 8.86 14.29 4.34
C ARG A 194 7.59 13.41 4.21
N GLY A 195 6.61 13.63 5.10
CA GLY A 195 5.29 13.00 4.97
C GLY A 195 4.20 13.93 5.44
N ASP A 196 2.94 13.51 5.30
CA ASP A 196 1.76 14.30 5.65
C ASP A 196 1.26 14.04 7.10
N ALA A 197 1.69 12.94 7.70
CA ALA A 197 1.23 12.55 9.03
C ALA A 197 2.21 11.56 9.61
N LEU A 198 2.18 11.42 10.93
CA LEU A 198 2.99 10.40 11.63
C LEU A 198 2.06 9.61 12.58
N SER A 199 2.11 8.29 12.51
CA SER A 199 1.35 7.46 13.49
C SER A 199 2.29 6.79 14.50
N HIS A 200 1.83 6.74 15.75
CA HIS A 200 2.59 6.19 16.86
C HIS A 200 1.61 6.08 18.03
N ASP A 201 2.12 5.71 19.20
CA ASP A 201 1.37 5.70 20.44
C ASP A 201 0.79 7.08 20.66
N ASN A 202 -0.49 7.17 20.97
CA ASN A 202 -1.12 8.50 21.15
C ASN A 202 -0.61 9.25 22.35
N THR A 203 -0.27 8.51 23.41
CA THR A 203 0.37 9.08 24.59
C THR A 203 1.68 9.81 24.22
N LEU A 204 2.51 9.16 23.43
CA LEU A 204 3.73 9.78 22.94
C LEU A 204 3.43 11.02 22.09
N LEU A 205 2.47 10.89 21.19
CA LEU A 205 2.16 11.97 20.27
C LEU A 205 1.47 13.16 20.97
N PHE A 206 0.77 12.94 22.10
CA PHE A 206 0.29 14.06 22.90
C PHE A 206 1.44 14.88 23.44
N ALA A 207 2.43 14.21 24.06
CA ALA A 207 3.56 14.92 24.64
C ALA A 207 4.34 15.67 23.56
N TRP A 208 4.59 14.99 22.44
CA TRP A 208 5.34 15.57 21.35
C TRP A 208 4.62 16.78 20.73
N VAL A 209 3.32 16.67 20.45
CA VAL A 209 2.60 17.83 19.90
C VAL A 209 2.54 18.99 20.87
N LYS A 210 2.64 18.70 22.17
CA LYS A 210 2.70 19.75 23.19
C LYS A 210 4.02 20.54 23.15
N ASP A 211 5.12 19.87 22.83
CA ASP A 211 6.42 20.54 22.68
C ASP A 211 6.66 21.06 21.25
N HIS A 212 5.81 20.64 20.31
CA HIS A 212 5.94 20.99 18.89
C HIS A 212 4.62 21.51 18.34
N PRO A 213 4.25 22.75 18.70
CA PRO A 213 2.95 23.32 18.36
C PRO A 213 2.69 23.67 16.87
N ASP A 214 3.65 23.39 15.98
CA ASP A 214 3.37 23.50 14.55
C ASP A 214 2.62 22.24 14.08
N PHE A 215 2.39 21.32 15.01
CA PHE A 215 1.68 20.06 14.73
C PHE A 215 0.57 19.82 15.73
N LYS A 216 -0.37 18.95 15.37
CA LYS A 216 -1.53 18.64 16.20
C LYS A 216 -1.94 17.17 16.04
N MET A 217 -2.86 16.72 16.89
CA MET A 217 -3.45 15.41 16.76
C MET A 217 -4.52 15.44 15.67
N GLY A 218 -4.30 14.73 14.57
CA GLY A 218 -5.36 14.52 13.59
C GLY A 218 -6.32 13.46 14.08
N ILE A 219 -5.78 12.37 14.61
CA ILE A 219 -6.59 11.34 15.23
C ILE A 219 -6.00 11.08 16.62
N LYS A 220 -6.80 11.36 17.64
CA LYS A 220 -6.35 11.27 19.05
C LYS A 220 -6.24 9.83 19.53
N GLU A 221 -7.11 8.96 19.01
CA GLU A 221 -7.17 7.60 19.51
C GLU A 221 -7.60 6.60 18.46
N LEU A 222 -6.66 5.73 18.12
CA LEU A 222 -6.84 4.72 17.11
C LEU A 222 -6.49 3.31 17.63
N GLY A 223 -7.34 2.34 17.28
CA GLY A 223 -7.04 0.93 17.51
C GLY A 223 -7.63 0.42 18.81
N ASN A 224 -6.95 -0.57 19.38
CA ASN A 224 -7.41 -1.20 20.62
C ASN A 224 -6.93 -0.41 21.83
N LYS A 225 -7.67 -0.49 22.91
CA LYS A 225 -7.18 0.05 24.17
C LYS A 225 -6.17 -0.95 24.74
N ASP A 226 -4.88 -0.62 24.61
CA ASP A 226 -3.81 -1.57 24.86
C ASP A 226 -3.12 -1.29 26.20
N VAL A 227 -2.06 -2.05 26.51
CA VAL A 227 -1.24 -1.77 27.67
C VAL A 227 0.22 -1.97 27.37
N ILE A 228 1.03 -1.17 28.07
CA ILE A 228 2.47 -1.34 28.13
C ILE A 228 2.85 -2.22 29.33
N ALA A 229 3.84 -3.08 29.14
CA ALA A 229 4.29 -3.97 30.20
C ALA A 229 5.73 -4.33 29.98
N PRO A 230 6.41 -4.82 31.05
CA PRO A 230 7.76 -5.32 30.84
C PRO A 230 7.67 -6.66 30.14
N ALA A 231 8.75 -7.08 29.49
CA ALA A 231 8.82 -8.39 28.86
C ALA A 231 10.10 -9.06 29.31
N VAL A 232 10.03 -10.37 29.57
CA VAL A 232 11.22 -11.15 29.84
C VAL A 232 11.32 -12.25 28.78
N LYS A 233 12.48 -12.89 28.69
CA LYS A 233 12.64 -13.96 27.73
C LYS A 233 11.58 -15.00 27.96
N LYS A 234 11.14 -15.63 26.89
CA LYS A 234 10.16 -16.71 26.99
C LYS A 234 10.74 -17.82 27.85
N GLY A 235 10.03 -18.19 28.93
CA GLY A 235 10.46 -19.24 29.83
C GLY A 235 11.17 -18.79 31.12
N ASP A 236 11.44 -17.48 31.22
CA ASP A 236 11.98 -16.89 32.45
C ASP A 236 10.87 -16.64 33.49
N LYS A 237 10.27 -17.74 33.95
CA LYS A 237 9.17 -17.74 34.92
C LYS A 237 9.52 -17.12 36.25
N GLU A 238 10.71 -17.44 36.76
CA GLU A 238 11.16 -16.95 38.06
C GLU A 238 11.35 -15.41 38.05
N LEU A 239 11.92 -14.90 36.96
CA LEU A 239 12.09 -13.46 36.77
C LEU A 239 10.75 -12.75 36.62
N LYS A 240 9.89 -13.27 35.75
CA LYS A 240 8.55 -12.70 35.55
C LYS A 240 7.78 -12.58 36.86
N GLU A 241 7.78 -13.65 37.67
CA GLU A 241 6.98 -13.66 38.89
C GLU A 241 7.59 -12.68 39.89
N PHE A 242 8.92 -12.59 39.90
CA PHE A 242 9.60 -11.58 40.71
C PHE A 242 9.09 -10.17 40.40
N ILE A 243 9.03 -9.84 39.11
CA ILE A 243 8.59 -8.52 38.65
C ILE A 243 7.10 -8.30 38.86
N ASP A 244 6.30 -9.32 38.64
CA ASP A 244 4.87 -9.19 38.85
C ASP A 244 4.60 -8.86 40.31
N ASN A 245 5.22 -9.62 41.21
CA ASN A 245 5.08 -9.41 42.65
C ASN A 245 5.53 -8.01 43.06
N LEU A 246 6.64 -7.54 42.50
CA LEU A 246 7.12 -6.18 42.77
C LEU A 246 6.11 -5.12 42.30
N ILE A 247 5.55 -5.33 41.11
CA ILE A 247 4.54 -4.41 40.58
C ILE A 247 3.29 -4.36 41.49
N ILE A 248 2.86 -5.51 41.99
CA ILE A 248 1.80 -5.52 43.04
C ILE A 248 2.17 -4.70 44.30
N LYS A 249 3.40 -4.87 44.79
CA LYS A 249 3.83 -4.16 46.01
C LYS A 249 3.99 -2.65 45.75
N LEU A 250 4.45 -2.28 44.56
CA LEU A 250 4.58 -0.86 44.21
C LEU A 250 3.22 -0.19 44.01
N GLY A 251 2.25 -0.95 43.49
CA GLY A 251 0.89 -0.44 43.33
C GLY A 251 0.19 -0.15 44.63
N GLN A 252 0.59 -0.85 45.70
CA GLN A 252 0.07 -0.56 47.03
C GLN A 252 0.62 0.76 47.60
N GLU A 253 1.74 1.25 47.06
CA GLU A 253 2.34 2.51 47.53
C GLU A 253 2.19 3.65 46.51
N GLN A 254 1.25 3.50 45.59
CA GLN A 254 0.99 4.47 44.51
C GLN A 254 2.24 4.87 43.73
N PHE A 255 3.13 3.89 43.50
CA PHE A 255 4.42 4.11 42.83
C PHE A 255 4.25 4.69 41.43
N PHE A 256 3.25 4.21 40.71
CA PHE A 256 3.08 4.63 39.30
C PHE A 256 2.46 6.00 39.16
N HIS A 257 1.49 6.34 40.02
CA HIS A 257 0.99 7.71 40.10
C HIS A 257 2.14 8.69 40.44
N LYS A 258 2.90 8.39 41.50
CA LYS A 258 4.06 9.22 41.84
C LYS A 258 5.02 9.36 40.64
N ALA A 259 5.34 8.24 39.97
CA ALA A 259 6.16 8.26 38.75
C ALA A 259 5.54 9.11 37.63
N TYR A 260 4.22 9.00 37.46
CA TYR A 260 3.49 9.86 36.54
C TYR A 260 3.69 11.36 36.84
N ASP A 261 3.67 11.72 38.12
CA ASP A 261 3.89 13.12 38.53
C ASP A 261 5.32 13.56 38.34
N GLU A 262 6.26 12.66 38.63
CA GLU A 262 7.68 13.00 38.52
C GLU A 262 8.12 13.07 37.04
N THR A 263 7.57 12.20 36.20
CA THR A 263 8.11 12.04 34.84
C THR A 263 7.18 12.35 33.65
N LEU A 264 5.86 12.40 33.86
CA LEU A 264 4.90 12.49 32.74
C LEU A 264 3.98 13.70 32.78
N LYS A 265 3.51 14.06 33.98
CA LYS A 265 2.50 15.12 34.14
C LYS A 265 2.87 16.43 33.44
N ALA A 266 4.12 16.86 33.64
CA ALA A 266 4.60 18.10 33.02
C ALA A 266 4.62 18.05 31.49
N HIS A 267 4.66 16.85 30.92
CA HIS A 267 4.77 16.67 29.47
C HIS A 267 3.42 16.41 28.79
N PHE A 268 2.33 16.44 29.56
CA PHE A 268 0.98 16.42 29.01
C PHE A 268 0.23 17.71 29.34
N GLY A 269 -0.85 17.97 28.60
CA GLY A 269 -1.73 19.08 28.94
C GLY A 269 -2.53 18.77 30.19
N ASP A 270 -3.25 19.78 30.69
CA ASP A 270 -4.17 19.58 31.82
C ASP A 270 -5.41 18.75 31.41
N ASP A 271 -5.49 18.42 30.12
CA ASP A 271 -6.52 17.56 29.57
C ASP A 271 -6.46 16.08 30.05
N VAL A 272 -5.25 15.56 30.26
CA VAL A 272 -5.10 14.13 30.58
C VAL A 272 -5.15 13.83 32.10
N LYS A 273 -5.94 12.82 32.47
CA LYS A 273 -5.94 12.26 33.83
C LYS A 273 -4.79 11.25 33.95
N ALA A 274 -4.16 11.22 35.12
CA ALA A 274 -3.17 10.20 35.45
C ALA A 274 -3.77 8.81 35.29
N ASP A 275 -5.04 8.68 35.69
CA ASP A 275 -5.78 7.43 35.54
C ASP A 275 -6.02 6.97 34.08
N ASP A 276 -5.92 7.88 33.11
CA ASP A 276 -6.04 7.49 31.70
C ASP A 276 -4.77 6.83 31.18
N VAL A 277 -3.66 7.03 31.89
CA VAL A 277 -2.34 6.55 31.50
C VAL A 277 -1.78 5.46 32.43
N VAL A 278 -1.90 5.66 33.72
CA VAL A 278 -1.27 4.80 34.71
C VAL A 278 -2.10 3.55 34.98
N ILE A 279 -1.42 2.42 35.13
CA ILE A 279 -1.96 1.23 35.79
C ILE A 279 -1.16 0.98 37.08
N GLU A 280 -1.85 0.81 38.21
CA GLU A 280 -1.20 0.45 39.48
C GLU A 280 -1.41 -1.03 39.77
N GLY A 281 -0.33 -1.72 40.13
CA GLY A 281 -0.39 -3.17 40.30
C GLY A 281 -0.58 -3.89 38.96
N SER B 31 -6.97 31.29 -43.56
CA SER B 31 -7.50 32.20 -42.50
C SER B 31 -8.36 31.48 -41.43
N LYS B 32 -8.78 30.25 -41.72
CA LYS B 32 -9.30 29.32 -40.73
C LYS B 32 -8.23 28.28 -40.44
N THR B 33 -8.04 27.95 -39.16
CA THR B 33 -7.11 26.88 -38.81
C THR B 33 -7.77 25.56 -39.17
N LEU B 34 -6.97 24.56 -39.53
CA LEU B 34 -7.54 23.28 -39.91
C LEU B 34 -8.09 22.57 -38.68
N ASN B 35 -9.16 21.80 -38.85
CA ASN B 35 -9.58 20.87 -37.82
C ASN B 35 -8.62 19.69 -37.84
N SER B 36 -8.62 18.90 -36.77
CA SER B 36 -7.64 17.82 -36.61
C SER B 36 -7.77 16.76 -37.70
N LEU B 37 -8.97 16.49 -38.18
CA LEU B 37 -9.13 15.56 -39.30
C LEU B 37 -8.36 16.02 -40.56
N ASP B 38 -8.40 17.33 -40.84
CA ASP B 38 -7.70 17.88 -42.00
C ASP B 38 -6.21 17.93 -41.79
N LYS B 39 -5.77 18.26 -40.58
CA LYS B 39 -4.33 18.18 -40.24
C LYS B 39 -3.79 16.78 -40.44
N ILE B 40 -4.60 15.78 -40.11
CA ILE B 40 -4.24 14.39 -40.26
C ILE B 40 -4.08 14.01 -41.74
N LYS B 41 -5.10 14.30 -42.54
CA LYS B 41 -5.06 14.03 -43.98
C LYS B 41 -3.90 14.74 -44.62
N GLN B 42 -3.69 16.01 -44.30
CA GLN B 42 -2.55 16.77 -44.84
C GLN B 42 -1.19 16.19 -44.42
N ASN B 43 -1.14 15.48 -43.29
CA ASN B 43 0.12 14.94 -42.79
C ASN B 43 0.57 13.65 -43.48
N GLY B 44 -0.38 12.92 -44.07
CA GLY B 44 -0.07 11.72 -44.85
C GLY B 44 0.05 10.45 -44.02
N VAL B 45 0.12 10.59 -42.70
CA VAL B 45 0.15 9.48 -41.77
C VAL B 45 -0.64 9.87 -40.53
N VAL B 46 -1.22 8.87 -39.87
CA VAL B 46 -2.00 9.08 -38.66
C VAL B 46 -1.23 8.47 -37.49
N ARG B 47 -1.11 9.23 -36.41
CA ARG B 47 -0.45 8.76 -35.20
C ARG B 47 -1.46 8.06 -34.30
N ILE B 48 -1.25 6.76 -34.08
CA ILE B 48 -2.16 5.96 -33.28
C ILE B 48 -1.38 5.40 -32.09
N GLY B 49 -1.91 5.67 -30.90
CA GLY B 49 -1.31 5.18 -29.67
C GLY B 49 -1.78 3.74 -29.48
N VAL B 50 -0.83 2.82 -29.30
CA VAL B 50 -1.13 1.41 -29.14
C VAL B 50 -0.26 0.79 -28.03
N PHE B 51 -0.71 -0.33 -27.49
CA PHE B 51 0.13 -1.12 -26.60
C PHE B 51 1.22 -1.82 -27.37
N GLY B 52 2.37 -1.95 -26.74
CA GLY B 52 3.47 -2.73 -27.30
C GLY B 52 3.63 -4.07 -26.61
N ASP B 53 2.85 -4.32 -25.57
CA ASP B 53 3.00 -5.53 -24.74
C ASP B 53 1.68 -6.07 -24.17
N LYS B 54 0.57 -5.87 -24.90
CA LYS B 54 -0.72 -6.48 -24.55
C LYS B 54 -1.21 -7.39 -25.67
N PRO B 55 -0.44 -8.46 -25.95
CA PRO B 55 -0.96 -9.44 -26.90
C PRO B 55 -2.15 -10.15 -26.27
N PRO B 56 -3.10 -10.64 -27.10
CA PRO B 56 -3.19 -10.52 -28.56
C PRO B 56 -3.71 -9.19 -29.13
N PHE B 57 -3.95 -8.20 -28.28
CA PHE B 57 -4.64 -6.94 -28.68
C PHE B 57 -3.76 -5.91 -29.35
N GLY B 58 -2.62 -5.65 -28.74
CA GLY B 58 -1.63 -4.77 -29.32
C GLY B 58 -0.29 -5.20 -28.78
N TYR B 59 0.61 -5.60 -29.66
CA TYR B 59 1.97 -5.94 -29.26
C TYR B 59 2.90 -5.74 -30.44
N VAL B 60 4.19 -5.98 -30.19
CA VAL B 60 5.21 -5.87 -31.19
C VAL B 60 5.81 -7.27 -31.42
N ASP B 61 5.81 -7.69 -32.67
CA ASP B 61 6.28 -9.04 -33.00
C ASP B 61 7.81 -9.09 -33.07
N GLU B 62 8.33 -10.28 -33.30
CA GLU B 62 9.77 -10.53 -33.27
C GLU B 62 10.51 -9.90 -34.44
N LYS B 63 9.75 -9.38 -35.42
CA LYS B 63 10.34 -8.59 -36.51
C LYS B 63 10.27 -7.08 -36.22
N GLY B 64 9.73 -6.69 -35.08
CA GLY B 64 9.61 -5.28 -34.73
C GLY B 64 8.35 -4.64 -35.29
N ASN B 65 7.47 -5.45 -35.86
CA ASN B 65 6.24 -4.93 -36.45
C ASN B 65 5.15 -4.98 -35.43
N ASN B 66 4.25 -4.00 -35.51
CA ASN B 66 3.08 -3.92 -34.61
C ASN B 66 1.98 -4.84 -35.06
N GLN B 67 1.36 -5.55 -34.11
CA GLN B 67 0.37 -6.59 -34.42
C GLN B 67 -0.76 -6.62 -33.40
N GLY B 68 -1.93 -7.09 -33.84
CA GLY B 68 -2.99 -7.45 -32.92
C GLY B 68 -4.35 -6.96 -33.37
N TYR B 69 -5.37 -7.32 -32.61
CA TYR B 69 -6.75 -6.90 -32.84
C TYR B 69 -6.88 -5.38 -32.99
N ASP B 70 -6.28 -4.62 -32.06
CA ASP B 70 -6.36 -3.15 -32.11
C ASP B 70 -5.64 -2.61 -33.33
N ILE B 71 -4.54 -3.27 -33.69
CA ILE B 71 -3.73 -2.90 -34.84
C ILE B 71 -4.48 -3.07 -36.15
N ALA B 72 -5.26 -4.14 -36.27
CA ALA B 72 -6.12 -4.34 -37.43
C ALA B 72 -7.00 -3.12 -37.68
N LEU B 73 -7.62 -2.60 -36.62
CA LEU B 73 -8.46 -1.42 -36.77
C LEU B 73 -7.62 -0.18 -37.09
N ALA B 74 -6.48 0.01 -36.41
CA ALA B 74 -5.61 1.15 -36.70
C ALA B 74 -5.34 1.22 -38.20
N LYS B 75 -4.87 0.10 -38.77
CA LYS B 75 -4.56 0.00 -40.19
C LYS B 75 -5.76 0.28 -41.11
N ARG B 76 -6.96 -0.13 -40.73
CA ARG B 76 -8.12 0.12 -41.60
C ARG B 76 -8.50 1.61 -41.57
N ILE B 77 -8.28 2.26 -40.44
CA ILE B 77 -8.44 3.70 -40.33
C ILE B 77 -7.48 4.46 -41.27
N ALA B 78 -6.21 4.10 -41.21
CA ALA B 78 -5.21 4.58 -42.14
C ALA B 78 -5.58 4.30 -43.61
N LYS B 79 -6.11 3.11 -43.89
CA LYS B 79 -6.57 2.80 -45.25
C LYS B 79 -7.77 3.69 -45.68
N GLU B 80 -8.65 4.01 -44.75
CA GLU B 80 -9.77 4.92 -45.02
C GLU B 80 -9.30 6.33 -45.34
N LEU B 81 -8.28 6.80 -44.63
CA LEU B 81 -7.76 8.15 -44.81
C LEU B 81 -6.85 8.31 -46.03
N PHE B 82 -5.95 7.35 -46.21
CA PHE B 82 -4.83 7.46 -47.16
C PHE B 82 -4.77 6.44 -48.29
N GLY B 83 -5.76 5.57 -48.39
CA GLY B 83 -5.79 4.50 -49.41
C GLY B 83 -4.76 3.39 -49.23
N ASP B 84 -4.08 3.42 -48.08
CA ASP B 84 -2.93 2.56 -47.80
C ASP B 84 -2.90 2.31 -46.28
N GLU B 85 -3.07 1.04 -45.90
CA GLU B 85 -3.19 0.67 -44.48
C GLU B 85 -1.89 0.83 -43.68
N ASN B 86 -0.77 1.06 -44.37
CA ASN B 86 0.52 1.23 -43.73
C ASN B 86 0.87 2.70 -43.40
N LYS B 87 -0.09 3.63 -43.58
CA LYS B 87 0.14 5.04 -43.33
C LYS B 87 -0.27 5.39 -41.91
N VAL B 88 0.15 4.54 -40.97
CA VAL B 88 -0.09 4.73 -39.57
C VAL B 88 1.30 4.80 -38.90
N GLN B 89 1.48 5.84 -38.09
CA GLN B 89 2.64 5.89 -37.23
C GLN B 89 2.22 5.38 -35.87
N PHE B 90 2.70 4.19 -35.51
CA PHE B 90 2.35 3.59 -34.25
C PHE B 90 3.19 4.21 -33.16
N VAL B 91 2.52 4.62 -32.09
CA VAL B 91 3.16 5.21 -30.93
C VAL B 91 2.84 4.33 -29.71
N LEU B 92 3.85 3.71 -29.12
CA LEU B 92 3.62 2.83 -27.97
C LEU B 92 3.24 3.67 -26.72
N VAL B 93 2.23 3.22 -26.00
CA VAL B 93 1.77 3.92 -24.83
C VAL B 93 1.37 2.91 -23.74
N GLU B 94 1.67 3.29 -22.50
CA GLU B 94 1.30 2.55 -21.28
C GLU B 94 -0.11 2.88 -20.86
N ALA B 95 -0.70 2.01 -20.06
CA ALA B 95 -2.07 2.17 -19.59
C ALA B 95 -2.36 3.52 -18.90
N ALA B 96 -1.41 4.02 -18.12
CA ALA B 96 -1.63 5.26 -17.36
C ALA B 96 -1.48 6.54 -18.18
N ASN B 97 -0.98 6.45 -19.42
CA ASN B 97 -0.70 7.66 -20.22
C ASN B 97 -1.53 7.86 -21.48
N ARG B 98 -2.62 7.11 -21.61
CA ARG B 98 -3.45 7.18 -22.81
C ARG B 98 -4.20 8.52 -22.96
N VAL B 99 -4.91 8.95 -21.92
CA VAL B 99 -5.52 10.29 -21.95
C VAL B 99 -4.47 11.39 -22.13
N GLU B 100 -3.33 11.27 -21.47
CA GLU B 100 -2.29 12.34 -21.54
C GLU B 100 -1.65 12.48 -22.93
N PHE B 101 -1.46 11.35 -23.60
CA PHE B 101 -0.99 11.33 -24.99
C PHE B 101 -1.93 12.05 -25.95
N LEU B 102 -3.23 11.96 -25.68
CA LEU B 102 -4.20 12.72 -26.44
C LEU B 102 -4.19 14.21 -26.09
N LYS B 103 -4.25 14.51 -24.79
CA LYS B 103 -4.33 15.91 -24.33
C LYS B 103 -3.10 16.69 -24.74
N SER B 104 -1.95 16.01 -24.77
CA SER B 104 -0.69 16.66 -25.13
C SER B 104 -0.35 16.48 -26.62
N ASN B 105 -1.32 16.06 -27.44
CA ASN B 105 -1.14 16.03 -28.90
C ASN B 105 -0.01 15.10 -29.37
N LYS B 106 0.34 14.07 -28.57
CA LYS B 106 1.32 13.07 -28.95
C LYS B 106 0.76 12.05 -29.94
N VAL B 107 -0.56 11.87 -29.93
CA VAL B 107 -1.21 10.97 -30.88
C VAL B 107 -2.53 11.56 -31.33
N ASP B 108 -3.07 11.05 -32.44
CA ASP B 108 -4.36 11.48 -33.02
C ASP B 108 -5.51 10.64 -32.52
N ILE B 109 -5.21 9.35 -32.32
CA ILE B 109 -6.14 8.35 -31.88
C ILE B 109 -5.43 7.44 -30.88
N ILE B 110 -6.17 7.10 -29.83
CA ILE B 110 -5.79 6.03 -28.89
C ILE B 110 -6.52 4.74 -29.29
N LEU B 111 -5.72 3.73 -29.68
CA LEU B 111 -6.17 2.34 -29.88
C LEU B 111 -5.33 1.37 -29.01
N ALA B 112 -4.93 1.85 -27.84
CA ALA B 112 -4.36 1.01 -26.78
C ALA B 112 -5.48 0.37 -25.94
N ASN B 113 -6.07 -0.69 -26.51
CA ASN B 113 -7.15 -1.49 -25.96
C ASN B 113 -7.83 -0.80 -24.77
N PHE B 114 -8.61 0.23 -25.10
CA PHE B 114 -9.02 1.28 -24.15
C PHE B 114 -10.47 1.13 -23.79
N THR B 115 -10.73 0.88 -22.51
CA THR B 115 -12.10 0.71 -22.03
C THR B 115 -12.81 2.06 -21.83
N GLN B 116 -14.06 2.12 -22.27
CA GLN B 116 -14.86 3.32 -22.07
C GLN B 116 -15.36 3.38 -20.64
N THR B 117 -15.02 4.47 -19.94
CA THR B 117 -15.60 4.77 -18.64
C THR B 117 -16.16 6.20 -18.60
N PRO B 118 -17.15 6.46 -17.73
CA PRO B 118 -17.63 7.84 -17.56
C PRO B 118 -16.52 8.84 -17.21
N GLN B 119 -15.58 8.43 -16.35
CA GLN B 119 -14.51 9.34 -15.92
C GLN B 119 -13.56 9.70 -17.06
N ARG B 120 -13.11 8.70 -17.81
CA ARG B 120 -12.26 8.94 -18.98
C ARG B 120 -12.98 9.80 -20.02
N ALA B 121 -14.27 9.54 -20.22
CA ALA B 121 -15.10 10.28 -21.16
C ALA B 121 -15.23 11.77 -20.83
N GLU B 122 -14.95 12.15 -19.57
CA GLU B 122 -14.87 13.58 -19.26
C GLU B 122 -13.59 14.21 -19.82
N GLN B 123 -12.60 13.37 -20.14
CA GLN B 123 -11.28 13.83 -20.51
C GLN B 123 -10.97 13.69 -22.02
N VAL B 124 -11.54 12.65 -22.64
CA VAL B 124 -11.38 12.37 -24.07
C VAL B 124 -12.73 12.05 -24.67
N ASP B 125 -12.78 12.07 -26.00
CA ASP B 125 -13.95 11.64 -26.75
C ASP B 125 -13.77 10.24 -27.34
N PHE B 126 -14.59 9.32 -26.83
CA PHE B 126 -14.67 7.93 -27.29
C PHE B 126 -15.51 7.80 -28.54
N CYS B 127 -15.00 7.00 -29.47
CA CYS B 127 -15.72 6.64 -30.68
C CYS B 127 -16.43 5.33 -30.46
N SER B 128 -17.16 4.87 -31.48
CA SER B 128 -18.00 3.68 -31.36
C SER B 128 -17.16 2.46 -30.92
N PRO B 129 -17.71 1.67 -29.98
CA PRO B 129 -16.95 0.54 -29.45
C PRO B 129 -16.68 -0.61 -30.45
N TYR B 130 -15.60 -1.36 -30.22
CA TYR B 130 -15.26 -2.48 -31.12
C TYR B 130 -14.98 -3.84 -30.43
N MET B 131 -15.04 -3.88 -29.10
CA MET B 131 -15.14 -5.15 -28.40
C MET B 131 -15.67 -5.01 -26.97
N LYS B 132 -16.11 -6.15 -26.43
CA LYS B 132 -16.66 -6.23 -25.10
C LYS B 132 -15.54 -6.70 -24.20
N VAL B 133 -15.64 -6.36 -22.92
CA VAL B 133 -14.59 -6.65 -21.96
C VAL B 133 -15.14 -6.60 -20.52
N ALA B 134 -14.54 -7.41 -19.66
CA ALA B 134 -14.77 -7.29 -18.23
C ALA B 134 -13.44 -7.57 -17.54
N LEU B 135 -13.48 -7.65 -16.21
CA LEU B 135 -12.28 -7.93 -15.44
C LEU B 135 -12.21 -9.40 -15.06
N GLY B 136 -11.00 -9.86 -14.75
CA GLY B 136 -10.77 -11.16 -14.15
C GLY B 136 -9.55 -11.12 -13.26
N VAL B 137 -9.30 -12.25 -12.62
CA VAL B 137 -8.14 -12.51 -11.77
C VAL B 137 -7.50 -13.86 -12.15
N ALA B 138 -6.24 -13.81 -12.55
CA ALA B 138 -5.43 -14.98 -12.83
C ALA B 138 -4.62 -15.34 -11.58
N VAL B 139 -4.48 -16.64 -11.33
CA VAL B 139 -3.92 -17.14 -10.07
C VAL B 139 -3.04 -18.33 -10.43
N PRO B 140 -2.07 -18.66 -9.56
CA PRO B 140 -1.31 -19.90 -9.80
C PRO B 140 -2.20 -21.14 -9.92
N LYS B 141 -1.75 -22.16 -10.64
CA LYS B 141 -2.58 -23.34 -10.84
C LYS B 141 -2.95 -24.07 -9.53
N ASP B 142 -2.11 -23.97 -8.49
CA ASP B 142 -2.39 -24.61 -7.20
C ASP B 142 -3.20 -23.74 -6.24
N SER B 143 -3.75 -22.63 -6.73
CA SER B 143 -4.43 -21.64 -5.89
C SER B 143 -5.92 -21.93 -5.80
N ASN B 144 -6.47 -21.78 -4.60
CA ASN B 144 -7.92 -21.87 -4.40
C ASN B 144 -8.63 -20.50 -4.27
N ILE B 145 -7.96 -19.42 -4.67
CA ILE B 145 -8.60 -18.11 -4.74
C ILE B 145 -9.67 -18.14 -5.83
N THR B 146 -10.93 -17.98 -5.45
CA THR B 146 -12.04 -17.99 -6.40
C THR B 146 -13.02 -16.81 -6.22
N SER B 147 -12.66 -15.86 -5.36
CA SER B 147 -13.51 -14.70 -5.10
C SER B 147 -12.65 -13.57 -4.53
N VAL B 148 -13.17 -12.34 -4.58
CA VAL B 148 -12.46 -11.18 -4.01
C VAL B 148 -12.32 -11.36 -2.49
N GLU B 149 -13.27 -12.07 -1.89
CA GLU B 149 -13.18 -12.34 -0.46
C GLU B 149 -11.90 -13.15 -0.17
N ASP B 150 -11.49 -14.02 -1.09
CA ASP B 150 -10.28 -14.83 -0.90
C ASP B 150 -9.00 -14.01 -1.03
N LEU B 151 -9.14 -12.81 -1.60
CA LEU B 151 -8.02 -11.91 -1.79
C LEU B 151 -7.70 -11.03 -0.56
N LYS B 152 -8.57 -11.03 0.46
CA LYS B 152 -8.46 -10.09 1.58
C LYS B 152 -7.03 -9.91 2.15
N ASP B 153 -6.36 -11.02 2.49
CA ASP B 153 -5.04 -10.95 3.12
C ASP B 153 -3.92 -11.37 2.15
N LYS B 154 -4.16 -11.13 0.86
CA LYS B 154 -3.18 -11.44 -0.19
C LYS B 154 -2.65 -10.15 -0.84
N THR B 155 -1.66 -10.34 -1.70
CA THR B 155 -1.04 -9.30 -2.52
C THR B 155 -1.48 -9.49 -3.98
N LEU B 156 -2.28 -8.54 -4.48
CA LEU B 156 -2.78 -8.53 -5.87
C LEU B 156 -1.92 -7.66 -6.79
N LEU B 157 -1.58 -8.21 -7.97
CA LEU B 157 -0.69 -7.53 -8.92
C LEU B 157 -1.52 -6.82 -9.98
N LEU B 158 -1.05 -5.64 -10.39
CA LEU B 158 -1.81 -4.74 -11.25
C LEU B 158 -0.90 -3.96 -12.17
N ASN B 159 -1.38 -3.73 -13.39
CA ASN B 159 -0.82 -2.78 -14.34
C ASN B 159 -1.43 -1.42 -14.01
N LYS B 160 -0.56 -0.48 -13.71
CA LYS B 160 -0.99 0.83 -13.32
C LYS B 160 -1.87 1.50 -14.41
N GLY B 161 -2.93 2.17 -13.98
CA GLY B 161 -3.78 2.95 -14.88
C GLY B 161 -4.85 2.16 -15.60
N THR B 162 -4.92 0.86 -15.33
CA THR B 162 -5.93 0.01 -15.95
C THR B 162 -7.24 0.09 -15.19
N THR B 163 -8.32 -0.40 -15.81
CA THR B 163 -9.60 -0.49 -15.11
C THR B 163 -9.54 -1.40 -13.88
N ALA B 164 -8.71 -2.44 -13.94
CA ALA B 164 -8.56 -3.34 -12.81
C ALA B 164 -7.89 -2.62 -11.66
N ASP B 165 -6.98 -1.71 -11.96
CA ASP B 165 -6.36 -0.87 -10.96
C ASP B 165 -7.45 0.01 -10.32
N ALA B 166 -8.22 0.71 -11.14
CA ALA B 166 -9.29 1.56 -10.62
C ALA B 166 -10.28 0.78 -9.76
N TYR B 167 -10.72 -0.37 -10.28
CA TYR B 167 -11.71 -1.21 -9.64
C TYR B 167 -11.32 -1.56 -8.20
N PHE B 168 -10.12 -2.12 -8.05
CA PHE B 168 -9.64 -2.57 -6.74
C PHE B 168 -9.29 -1.39 -5.86
N THR B 169 -8.69 -0.36 -6.44
CA THR B 169 -8.30 0.81 -5.68
C THR B 169 -9.52 1.50 -5.03
N GLN B 170 -10.65 1.51 -5.74
CA GLN B 170 -11.88 2.17 -5.27
C GLN B 170 -12.78 1.27 -4.45
N ASN B 171 -13.04 0.06 -4.93
CA ASN B 171 -13.96 -0.86 -4.25
C ASN B 171 -13.32 -1.66 -3.13
N TYR B 172 -12.01 -1.88 -3.21
CA TYR B 172 -11.31 -2.71 -2.24
C TYR B 172 -9.98 -2.08 -1.89
N PRO B 173 -10.01 -0.85 -1.37
CA PRO B 173 -8.80 -0.05 -1.20
C PRO B 173 -7.75 -0.66 -0.28
N ASN B 174 -8.16 -1.61 0.56
CA ASN B 174 -7.27 -2.26 1.54
C ASN B 174 -6.86 -3.71 1.20
N ILE B 175 -7.15 -4.17 -0.02
CA ILE B 175 -6.50 -5.37 -0.55
C ILE B 175 -5.13 -4.91 -1.04
N LYS B 176 -4.05 -5.43 -0.46
CA LYS B 176 -2.70 -4.95 -0.82
C LYS B 176 -2.43 -5.14 -2.31
N THR B 177 -2.05 -4.05 -3.00
CA THR B 177 -1.76 -4.11 -4.43
C THR B 177 -0.36 -3.63 -4.74
N LEU B 178 0.32 -4.35 -5.63
CA LEU B 178 1.55 -3.84 -6.26
C LEU B 178 1.24 -3.47 -7.71
N LYS B 179 1.64 -2.26 -8.13
CA LYS B 179 1.29 -1.72 -9.45
C LYS B 179 2.52 -1.54 -10.33
N TYR B 180 2.40 -1.92 -11.59
CA TYR B 180 3.52 -1.87 -12.51
C TYR B 180 3.16 -1.02 -13.73
N ASP B 181 4.12 -0.23 -14.19
CA ASP B 181 3.91 0.68 -15.35
C ASP B 181 3.46 -0.07 -16.61
N GLN B 182 4.09 -1.24 -16.83
CA GLN B 182 3.98 -2.01 -18.07
C GLN B 182 3.32 -3.35 -17.81
N ASN B 183 2.63 -3.89 -18.82
CA ASN B 183 2.14 -5.27 -18.75
C ASN B 183 3.24 -6.32 -18.63
N THR B 184 4.31 -6.19 -19.40
CA THR B 184 5.40 -7.17 -19.34
C THR B 184 5.84 -7.34 -17.88
N GLU B 185 6.12 -6.22 -17.22
CA GLU B 185 6.53 -6.19 -15.81
C GLU B 185 5.50 -6.81 -14.90
N THR B 186 4.22 -6.60 -15.19
CA THR B 186 3.16 -7.07 -14.32
C THR B 186 3.04 -8.59 -14.33
N PHE B 187 2.97 -9.18 -15.53
CA PHE B 187 2.91 -10.64 -15.62
C PHE B 187 4.24 -11.28 -15.21
N ALA B 188 5.35 -10.54 -15.28
CA ALA B 188 6.64 -11.07 -14.83
C ALA B 188 6.69 -11.19 -13.32
N ALA B 189 6.07 -10.26 -12.63
CA ALA B 189 5.93 -10.31 -11.18
C ALA B 189 5.11 -11.51 -10.69
N LEU B 190 4.01 -11.79 -11.37
CA LEU B 190 3.26 -13.02 -11.16
C LEU B 190 4.20 -14.22 -11.19
N MET B 191 4.83 -14.42 -12.34
CA MET B 191 5.68 -15.59 -12.55
C MET B 191 6.81 -15.67 -11.53
N ASP B 192 7.38 -14.52 -11.17
CA ASP B 192 8.40 -14.47 -10.12
C ASP B 192 7.80 -14.52 -8.70
N LYS B 193 6.50 -14.86 -8.59
CA LYS B 193 5.85 -15.08 -7.29
C LYS B 193 5.96 -13.88 -6.34
N ARG B 194 5.89 -12.68 -6.89
CA ARG B 194 5.89 -11.45 -6.07
C ARG B 194 4.49 -11.09 -5.59
N GLY B 195 3.48 -11.74 -6.17
CA GLY B 195 2.11 -11.59 -5.73
C GLY B 195 1.38 -12.92 -5.74
N ASP B 196 0.17 -12.92 -5.19
CA ASP B 196 -0.66 -14.13 -5.09
C ASP B 196 -1.65 -14.28 -6.25
N ALA B 197 -1.83 -13.19 -7.00
CA ALA B 197 -2.91 -13.08 -8.01
C ALA B 197 -2.67 -11.86 -8.90
N LEU B 198 -3.35 -11.79 -10.05
CA LEU B 198 -3.19 -10.70 -11.04
C LEU B 198 -4.53 -10.41 -11.66
N SER B 199 -4.94 -9.14 -11.60
CA SER B 199 -6.22 -8.69 -12.16
C SER B 199 -5.93 -7.79 -13.36
N HIS B 200 -6.73 -8.01 -14.39
CA HIS B 200 -6.63 -7.33 -15.67
C HIS B 200 -7.89 -7.70 -16.46
N ASP B 201 -7.98 -7.33 -17.74
CA ASP B 201 -9.22 -7.60 -18.50
C ASP B 201 -9.29 -9.10 -18.58
N ASN B 202 -10.49 -9.70 -18.53
CA ASN B 202 -10.60 -11.17 -18.53
C ASN B 202 -10.19 -11.79 -19.87
N THR B 203 -10.62 -11.14 -20.96
CA THR B 203 -10.12 -11.43 -22.31
C THR B 203 -8.58 -11.58 -22.36
N LEU B 204 -7.85 -10.60 -21.86
CA LEU B 204 -6.38 -10.68 -21.80
C LEU B 204 -5.87 -11.87 -20.97
N LEU B 205 -6.50 -12.07 -19.81
CA LEU B 205 -6.07 -13.15 -18.90
C LEU B 205 -6.37 -14.55 -19.45
N PHE B 206 -7.48 -14.71 -20.16
CA PHE B 206 -7.75 -15.98 -20.84
C PHE B 206 -6.60 -16.31 -21.80
N ALA B 207 -6.26 -15.35 -22.64
CA ALA B 207 -5.18 -15.51 -23.61
C ALA B 207 -3.87 -15.90 -22.94
N TRP B 208 -3.52 -15.21 -21.86
CA TRP B 208 -2.25 -15.40 -21.17
C TRP B 208 -2.22 -16.75 -20.43
N VAL B 209 -3.31 -17.13 -19.75
CA VAL B 209 -3.31 -18.43 -19.06
C VAL B 209 -3.34 -19.62 -20.04
N LYS B 210 -3.96 -19.45 -21.21
CA LYS B 210 -3.86 -20.45 -22.29
C LYS B 210 -2.41 -20.76 -22.67
N ASP B 211 -1.55 -19.75 -22.68
CA ASP B 211 -0.14 -19.95 -23.01
C ASP B 211 0.74 -20.27 -21.80
N HIS B 212 0.16 -20.12 -20.60
CA HIS B 212 0.85 -20.35 -19.33
C HIS B 212 0.07 -21.31 -18.40
N PRO B 213 0.20 -22.63 -18.61
CA PRO B 213 -0.45 -23.71 -17.84
C PRO B 213 -0.19 -23.72 -16.32
N ASP B 214 0.87 -23.04 -15.89
CA ASP B 214 1.20 -22.88 -14.46
C ASP B 214 0.24 -21.90 -13.76
N PHE B 215 -0.68 -21.31 -14.54
CA PHE B 215 -1.69 -20.39 -14.03
C PHE B 215 -3.08 -20.74 -14.57
N LYS B 216 -4.10 -20.13 -13.97
CA LYS B 216 -5.49 -20.40 -14.34
C LYS B 216 -6.32 -19.18 -13.94
N MET B 217 -7.56 -19.14 -14.40
CA MET B 217 -8.49 -18.07 -14.01
C MET B 217 -9.07 -18.38 -12.64
N GLY B 218 -8.76 -17.54 -11.67
CA GLY B 218 -9.34 -17.61 -10.33
C GLY B 218 -10.76 -17.11 -10.34
N ILE B 219 -10.96 -15.95 -10.96
CA ILE B 219 -12.28 -15.36 -11.19
C ILE B 219 -12.38 -15.05 -12.69
N LYS B 220 -13.30 -15.67 -13.40
CA LYS B 220 -13.40 -15.47 -14.85
C LYS B 220 -14.02 -14.12 -15.24
N GLU B 221 -14.97 -13.63 -14.44
CA GLU B 221 -15.67 -12.36 -14.73
C GLU B 221 -16.01 -11.57 -13.47
N LEU B 222 -15.58 -10.30 -13.47
CA LEU B 222 -15.60 -9.43 -12.30
C LEU B 222 -15.97 -8.01 -12.77
N GLY B 223 -16.91 -7.36 -12.10
CA GLY B 223 -17.34 -6.01 -12.45
C GLY B 223 -18.30 -5.88 -13.63
N ASN B 224 -18.59 -4.64 -13.99
CA ASN B 224 -19.44 -4.28 -15.13
C ASN B 224 -19.01 -4.93 -16.45
N LYS B 225 -20.01 -5.24 -17.27
CA LYS B 225 -19.82 -5.61 -18.67
C LYS B 225 -19.47 -4.33 -19.45
N ASP B 226 -18.18 -4.18 -19.77
CA ASP B 226 -17.67 -2.94 -20.38
C ASP B 226 -17.45 -3.11 -21.89
N VAL B 227 -17.01 -2.04 -22.55
CA VAL B 227 -16.69 -2.08 -23.96
C VAL B 227 -15.38 -1.35 -24.16
N ILE B 228 -14.65 -1.75 -25.18
CA ILE B 228 -13.38 -1.16 -25.58
C ILE B 228 -13.69 -0.28 -26.80
N ALA B 229 -13.03 0.88 -26.89
CA ALA B 229 -13.31 1.84 -27.96
C ALA B 229 -12.14 2.73 -28.29
N PRO B 230 -12.16 3.28 -29.53
CA PRO B 230 -11.12 4.29 -29.81
C PRO B 230 -11.45 5.57 -29.07
N ALA B 231 -10.41 6.30 -28.68
CA ALA B 231 -10.55 7.66 -28.13
C ALA B 231 -9.75 8.68 -28.94
N VAL B 232 -10.27 9.90 -28.97
CA VAL B 232 -9.59 11.05 -29.59
C VAL B 232 -9.65 12.22 -28.60
N LYS B 233 -9.04 13.34 -28.95
CA LYS B 233 -8.93 14.47 -28.02
C LYS B 233 -10.31 15.09 -27.85
N LYS B 234 -10.64 15.48 -26.63
CA LYS B 234 -11.96 16.02 -26.36
C LYS B 234 -12.19 17.21 -27.30
N GLY B 235 -13.30 17.19 -28.04
CA GLY B 235 -13.64 18.27 -28.97
C GLY B 235 -13.29 18.02 -30.44
N ASP B 236 -12.63 16.89 -30.74
CA ASP B 236 -12.26 16.50 -32.11
C ASP B 236 -13.44 15.82 -32.81
N LYS B 237 -14.47 16.61 -33.06
CA LYS B 237 -15.75 16.14 -33.58
C LYS B 237 -15.62 15.50 -34.97
N GLU B 238 -14.89 16.18 -35.86
CA GLU B 238 -14.77 15.72 -37.24
C GLU B 238 -14.03 14.36 -37.29
N LEU B 239 -12.96 14.23 -36.52
CA LEU B 239 -12.21 12.98 -36.47
C LEU B 239 -13.07 11.83 -35.91
N LYS B 240 -13.85 12.12 -34.89
CA LYS B 240 -14.67 11.14 -34.25
C LYS B 240 -15.77 10.66 -35.23
N GLU B 241 -16.49 11.59 -35.87
CA GLU B 241 -17.54 11.19 -36.83
C GLU B 241 -16.96 10.36 -37.97
N PHE B 242 -15.72 10.63 -38.34
CA PHE B 242 -15.02 9.89 -39.43
C PHE B 242 -14.79 8.42 -39.04
N ILE B 243 -14.24 8.24 -37.84
CA ILE B 243 -14.02 6.91 -37.26
C ILE B 243 -15.35 6.21 -36.99
N ASP B 244 -16.32 6.93 -36.43
CA ASP B 244 -17.63 6.36 -36.13
C ASP B 244 -18.30 5.89 -37.42
N ASN B 245 -18.43 6.78 -38.42
CA ASN B 245 -18.96 6.42 -39.72
C ASN B 245 -18.33 5.14 -40.32
N LEU B 246 -17.00 5.07 -40.23
CA LEU B 246 -16.23 3.92 -40.70
C LEU B 246 -16.56 2.66 -39.94
N ILE B 247 -16.61 2.76 -38.61
CA ILE B 247 -16.92 1.60 -37.78
C ILE B 247 -18.30 1.02 -38.10
N ILE B 248 -19.27 1.89 -38.39
CA ILE B 248 -20.60 1.46 -38.84
C ILE B 248 -20.48 0.63 -40.11
N LYS B 249 -19.98 1.25 -41.17
CA LYS B 249 -19.62 0.56 -42.41
C LYS B 249 -18.86 -0.77 -42.19
N LEU B 250 -17.86 -0.77 -41.31
CA LEU B 250 -17.08 -2.00 -41.05
C LEU B 250 -17.90 -3.12 -40.39
N GLY B 251 -18.91 -2.77 -39.62
CA GLY B 251 -19.86 -3.74 -39.07
C GLY B 251 -20.68 -4.38 -40.18
N GLN B 252 -21.11 -3.57 -41.14
CA GLN B 252 -21.89 -4.06 -42.27
C GLN B 252 -21.14 -5.10 -43.14
N GLU B 253 -19.83 -5.24 -42.93
CA GLU B 253 -18.97 -6.17 -43.70
C GLU B 253 -18.35 -7.31 -42.87
N GLN B 254 -18.73 -7.41 -41.59
CA GLN B 254 -18.20 -8.43 -40.66
C GLN B 254 -16.70 -8.27 -40.45
N PHE B 255 -16.23 -7.02 -40.44
CA PHE B 255 -14.81 -6.71 -40.29
C PHE B 255 -14.23 -7.23 -39.01
N PHE B 256 -14.92 -7.01 -37.90
CA PHE B 256 -14.38 -7.37 -36.59
C PHE B 256 -14.39 -8.88 -36.35
N HIS B 257 -15.42 -9.57 -36.85
CA HIS B 257 -15.45 -11.04 -36.85
C HIS B 257 -14.24 -11.61 -37.64
N LYS B 258 -14.00 -11.03 -38.82
CA LYS B 258 -12.80 -11.35 -39.58
C LYS B 258 -11.50 -10.99 -38.85
N ALA B 259 -11.46 -9.85 -38.17
CA ALA B 259 -10.29 -9.47 -37.36
C ALA B 259 -10.01 -10.48 -36.22
N TYR B 260 -11.07 -10.86 -35.52
CA TYR B 260 -11.00 -11.86 -34.44
C TYR B 260 -10.42 -13.18 -34.94
N ASP B 261 -10.97 -13.69 -36.03
CA ASP B 261 -10.45 -14.90 -36.69
C ASP B 261 -8.94 -14.74 -36.99
N GLU B 262 -8.59 -13.57 -37.55
CA GLU B 262 -7.20 -13.27 -37.88
C GLU B 262 -6.28 -13.19 -36.67
N THR B 263 -6.73 -12.53 -35.61
CA THR B 263 -5.81 -12.05 -34.57
C THR B 263 -6.04 -12.63 -33.17
N LEU B 264 -7.25 -13.15 -32.90
CA LEU B 264 -7.68 -13.50 -31.54
C LEU B 264 -8.02 -14.98 -31.27
N LYS B 265 -8.66 -15.61 -32.24
CA LYS B 265 -9.24 -16.96 -32.11
C LYS B 265 -8.24 -18.03 -31.68
N ALA B 266 -7.02 -17.95 -32.21
CA ALA B 266 -5.97 -18.91 -31.88
C ALA B 266 -5.46 -18.74 -30.45
N HIS B 267 -5.72 -17.60 -29.83
CA HIS B 267 -5.21 -17.28 -28.50
C HIS B 267 -6.21 -17.51 -27.37
N PHE B 268 -7.43 -17.92 -27.74
CA PHE B 268 -8.39 -18.43 -26.77
C PHE B 268 -8.56 -19.93 -26.91
N GLY B 269 -9.41 -20.51 -26.06
CA GLY B 269 -10.05 -21.77 -26.36
C GLY B 269 -11.21 -21.62 -27.34
N ASP B 270 -11.42 -22.65 -28.16
CA ASP B 270 -12.76 -23.18 -28.38
C ASP B 270 -13.60 -23.09 -27.11
N ASP B 271 -14.86 -22.69 -27.27
CA ASP B 271 -15.76 -22.54 -26.14
C ASP B 271 -15.85 -21.07 -25.70
N VAL B 272 -14.87 -20.28 -26.13
CA VAL B 272 -15.04 -18.83 -26.21
C VAL B 272 -15.52 -18.41 -27.60
N LYS B 273 -16.59 -17.61 -27.63
CA LYS B 273 -17.25 -17.27 -28.88
C LYS B 273 -16.88 -15.86 -29.32
N ALA B 274 -16.63 -15.70 -30.62
CA ALA B 274 -16.41 -14.37 -31.21
C ALA B 274 -17.49 -13.37 -30.82
N ASP B 275 -18.75 -13.80 -30.82
CA ASP B 275 -19.84 -12.92 -30.44
C ASP B 275 -19.74 -12.40 -29.00
N ASP B 276 -19.01 -13.10 -28.14
CA ASP B 276 -18.75 -12.62 -26.77
C ASP B 276 -17.59 -11.63 -26.67
N VAL B 277 -16.77 -11.52 -27.71
CA VAL B 277 -15.64 -10.58 -27.72
C VAL B 277 -15.93 -9.40 -28.65
N VAL B 278 -16.40 -9.70 -29.84
CA VAL B 278 -16.49 -8.71 -30.90
C VAL B 278 -17.75 -7.82 -30.77
N ILE B 279 -17.61 -6.58 -31.19
CA ILE B 279 -18.75 -5.74 -31.54
C ILE B 279 -18.53 -5.28 -32.99
N GLU B 280 -19.56 -5.51 -33.81
CA GLU B 280 -19.65 -5.05 -35.21
C GLU B 280 -20.53 -3.80 -35.29
N GLY B 281 -19.99 -2.67 -35.78
CA GLY B 281 -20.77 -1.45 -35.92
C GLY B 281 -21.07 -0.77 -34.59
N CYS C . 4.51 1.02 22.61
CA CYS C . 4.48 0.81 21.11
C CYS C . 5.04 -0.57 20.73
O CYS C . 5.30 -0.84 19.56
CB CYS C . 5.28 1.89 20.40
SG CYS C . 7.03 1.96 20.90
OXT CYS C . 5.26 -1.42 21.60
N CYS D . -8.88 -2.24 -21.18
CA CYS D . -8.38 -1.84 -19.82
C CYS D . -8.27 -0.34 -19.68
O CYS D . -7.90 0.13 -18.63
CB CYS D . -7.01 -2.45 -19.55
SG CYS D . -5.69 -1.87 -20.67
OXT CYS D . -8.54 0.42 -20.60
C1 GOL E . 1.34 -10.10 -21.17
O1 GOL E . 0.65 -10.91 -22.10
C2 GOL E . 2.60 -9.49 -21.78
O2 GOL E . 2.91 -8.25 -21.18
C3 GOL E . 3.81 -10.40 -21.59
O3 GOL E . 4.91 -9.90 -22.32
#